data_4DQD
#
_entry.id   4DQD
#
_cell.length_a   125.038
_cell.length_b   62.422
_cell.length_c   60.623
_cell.angle_alpha   90.00
_cell.angle_beta   113.67
_cell.angle_gamma   90.00
#
_symmetry.space_group_name_H-M   'C 1 2 1'
#
loop_
_entity.id
_entity.type
_entity.pdbx_description
1 polymer 'Extracellular ligand-binding receptor'
2 non-polymer '3-PHENYLPYRUVIC ACID'
3 non-polymer GLYCEROL
4 non-polymer '3-HYDROXYPYRUVIC ACID'
5 non-polymer 'TETRAETHYLENE GLYCOL'
6 water water
#
_entity_poly.entity_id   1
_entity_poly.type   'polypeptide(L)'
_entity_poly.pdbx_seq_one_letter_code
;SNAEIKIGIT(MSE)SASGPGAALGQPQSKTVAALPKEIGGEKVTYFALDDESDPTKAAQNARKLLSEEKVDVLIGSSLT
PVSLPLIDIAAEAKTPL(MSE)T(MSE)AAAAILVAP(MSE)DERRKWVYKVVPNDDI(MSE)AEAIGKYIAKTGAKKVG
YIGFSDAYGEGYYKVLAAAAPKLGFELTTHEVYARSDASVTGQVLKIIATKPDAVFIASAGTPAVLPQKALRERGFKGAI
YQTHGVATEEFIKLGGKDVEGAIFAGEAFSGAED(MSE)PADSPFRKVKARFVDAYKAANGGAAPTIFGVHLWDS(MSE)
TLVENAIPAALKAAKPGTPEFRAAIRDQIEKSKDLALNNGLSN(MSE)TPDNHNGYDERSAFLIEIRDGAFRLKQ
;
_entity_poly.pdbx_strand_id   A
#
loop_
_chem_comp.id
_chem_comp.type
_chem_comp.name
_chem_comp.formula
3PY non-polymer '3-HYDROXYPYRUVIC ACID' 'C3 H4 O4'
GOL non-polymer GLYCEROL 'C3 H8 O3'
PG4 non-polymer 'TETRAETHYLENE GLYCOL' 'C8 H18 O5'
PPY non-polymer '3-PHENYLPYRUVIC ACID' 'C9 H8 O3'
#
# COMPACT_ATOMS: atom_id res chain seq x y z
N ALA A 3 15.92 -15.41 23.47
CA ALA A 3 14.97 -14.44 23.99
C ALA A 3 13.67 -14.48 23.21
N GLU A 4 12.81 -13.49 23.44
CA GLU A 4 11.53 -13.45 22.75
C GLU A 4 11.72 -13.01 21.31
N ILE A 5 10.70 -13.21 20.48
CA ILE A 5 10.71 -12.68 19.13
C ILE A 5 10.48 -11.17 19.18
N LYS A 6 11.27 -10.42 18.41
CA LYS A 6 11.13 -8.96 18.40
C LYS A 6 10.83 -8.49 16.99
N ILE A 7 9.80 -7.66 16.87
CA ILE A 7 9.40 -7.12 15.59
C ILE A 7 9.51 -5.61 15.63
N GLY A 8 10.26 -5.02 14.70
CA GLY A 8 10.42 -3.58 14.64
C GLY A 8 9.51 -3.01 13.56
N ILE A 9 8.89 -1.88 13.83
CA ILE A 9 7.98 -1.28 12.85
C ILE A 9 8.27 0.21 12.77
N THR A 10 8.45 0.73 11.57
CA THR A 10 8.50 2.18 11.37
C THR A 10 7.37 2.56 10.42
N MSE A 11 6.60 3.59 10.78
CA MSE A 11 5.42 3.96 9.99
C MSE A 11 5.31 5.47 9.92
O MSE A 11 5.83 6.18 10.79
CB MSE A 11 4.15 3.39 10.65
CG MSE A 11 3.95 3.94 12.06
SE MSE A 11 4.47 2.60 13.37
CE MSE A 11 2.99 1.45 12.93
N SER A 12 4.63 5.97 8.90
CA SER A 12 4.47 7.42 8.74
C SER A 12 3.23 7.89 9.47
N ALA A 13 3.30 7.89 10.80
CA ALA A 13 2.15 8.24 11.62
C ALA A 13 1.88 9.75 11.66
N SER A 14 2.86 10.53 11.22
CA SER A 14 2.70 11.98 11.07
C SER A 14 3.32 12.36 9.72
N GLY A 15 3.14 13.61 9.32
CA GLY A 15 3.57 14.03 7.99
C GLY A 15 2.48 13.74 6.98
N PRO A 16 2.77 13.93 5.69
CA PRO A 16 1.75 13.74 4.65
C PRO A 16 1.33 12.28 4.50
N GLY A 17 2.04 11.35 5.12
CA GLY A 17 1.63 9.95 5.09
C GLY A 17 0.70 9.57 6.23
N ALA A 18 0.30 10.53 7.05
CA ALA A 18 -0.42 10.22 8.29
C ALA A 18 -1.68 9.35 8.10
N ALA A 19 -2.43 9.58 7.03
CA ALA A 19 -3.65 8.79 6.84
C ALA A 19 -3.33 7.33 6.56
N LEU A 20 -2.07 7.04 6.25
CA LEU A 20 -1.62 5.66 6.08
C LEU A 20 -0.98 5.12 7.34
N GLY A 21 -0.10 5.93 7.94
CA GLY A 21 0.64 5.51 9.11
C GLY A 21 -0.15 5.46 10.42
N GLN A 22 -1.09 6.37 10.60
CA GLN A 22 -1.88 6.35 11.83
C GLN A 22 -2.67 5.05 12.01
N PRO A 23 -3.38 4.60 10.96
CA PRO A 23 -4.06 3.31 11.09
C PRO A 23 -3.09 2.17 11.43
N GLN A 24 -1.88 2.22 10.88
CA GLN A 24 -0.88 1.21 11.18
C GLN A 24 -0.46 1.27 12.64
N SER A 25 -0.24 2.48 13.13
CA SER A 25 0.12 2.68 14.54
C SER A 25 -0.95 2.09 15.46
N LYS A 26 -2.21 2.26 15.09
CA LYS A 26 -3.33 1.79 15.94
C LYS A 26 -3.56 0.28 15.82
N THR A 27 -2.96 -0.31 14.79
CA THR A 27 -3.07 -1.75 14.58
C THR A 27 -2.10 -2.54 15.46
N VAL A 28 -1.02 -1.90 15.89
CA VAL A 28 0.00 -2.59 16.69
C VAL A 28 -0.61 -3.30 17.91
N ALA A 29 -1.53 -2.62 18.59
CA ALA A 29 -2.15 -3.15 19.80
C ALA A 29 -3.02 -4.38 19.56
N ALA A 30 -3.35 -4.63 18.28
CA ALA A 30 -4.16 -5.77 17.89
C ALA A 30 -3.34 -7.01 17.53
N LEU A 31 -2.02 -6.86 17.51
CA LEU A 31 -1.13 -7.95 17.11
C LEU A 31 -0.89 -8.91 18.26
N PRO A 32 -0.63 -10.18 17.94
CA PRO A 32 -0.55 -11.26 18.93
C PRO A 32 0.69 -11.17 19.82
N LYS A 33 0.51 -11.41 21.11
CA LYS A 33 1.60 -11.36 22.10
C LYS A 33 2.41 -12.65 22.14
N GLU A 34 1.94 -13.67 21.43
CA GLU A 34 2.62 -14.96 21.38
C GLU A 34 2.38 -15.56 20.00
N ILE A 35 3.43 -16.12 19.40
CA ILE A 35 3.33 -16.81 18.11
C ILE A 35 4.19 -18.07 18.19
N GLY A 36 3.63 -19.20 17.78
CA GLY A 36 4.37 -20.45 17.81
C GLY A 36 4.90 -20.84 19.19
N GLY A 37 4.20 -20.39 20.23
CA GLY A 37 4.55 -20.72 21.60
C GLY A 37 5.66 -19.85 22.16
N GLU A 38 5.99 -18.79 21.43
CA GLU A 38 7.05 -17.86 21.84
CA GLU A 38 7.05 -17.86 21.81
C GLU A 38 6.48 -16.47 22.03
N LYS A 39 6.94 -15.79 23.07
CA LYS A 39 6.53 -14.42 23.31
C LYS A 39 7.00 -13.51 22.16
N VAL A 40 6.18 -12.52 21.83
CA VAL A 40 6.52 -11.55 20.78
C VAL A 40 6.41 -10.13 21.35
N THR A 41 7.42 -9.32 21.08
CA THR A 41 7.39 -7.92 21.51
C THR A 41 7.51 -7.01 20.30
N TYR A 42 6.70 -5.95 20.26
CA TYR A 42 6.69 -5.04 19.13
C TYR A 42 7.32 -3.72 19.52
N PHE A 43 8.12 -3.18 18.61
CA PHE A 43 8.75 -1.88 18.80
C PHE A 43 8.36 -0.99 17.63
N ALA A 44 7.50 -0.01 17.89
CA ALA A 44 6.95 0.81 16.80
C ALA A 44 7.40 2.26 16.91
N LEU A 45 7.83 2.82 15.79
CA LEU A 45 8.38 4.18 15.77
C LEU A 45 7.75 4.96 14.62
N ASP A 46 7.52 6.24 14.86
CA ASP A 46 7.01 7.14 13.83
C ASP A 46 8.20 7.67 13.03
N ASP A 47 8.13 7.58 11.71
CA ASP A 47 9.19 8.18 10.87
C ASP A 47 8.80 9.53 10.26
N GLU A 48 7.61 10.02 10.60
CA GLU A 48 7.18 11.37 10.19
C GLU A 48 7.12 11.57 8.67
N SER A 49 6.95 10.47 7.93
CA SER A 49 6.95 10.48 6.46
C SER A 49 8.30 10.94 5.92
N ASP A 50 9.35 10.75 6.70
CA ASP A 50 10.68 11.25 6.32
C ASP A 50 11.68 10.11 6.11
N PRO A 51 12.25 10.01 4.90
CA PRO A 51 13.16 8.90 4.63
C PRO A 51 14.36 8.85 5.57
N THR A 52 14.91 10.02 5.93
CA THR A 52 16.04 10.05 6.84
C THR A 52 15.66 9.48 8.21
N LYS A 53 14.50 9.90 8.72
CA LYS A 53 14.03 9.40 10.01
C LYS A 53 13.70 7.91 9.97
N ALA A 54 13.09 7.44 8.87
CA ALA A 54 12.83 6.02 8.74
C ALA A 54 14.14 5.22 8.78
N ALA A 55 15.17 5.73 8.10
CA ALA A 55 16.46 5.04 8.09
C ALA A 55 17.05 4.99 9.49
N GLN A 56 16.94 6.11 10.20
CA GLN A 56 17.39 6.17 11.59
C GLN A 56 16.62 5.18 12.48
N ASN A 57 15.30 5.14 12.32
CA ASN A 57 14.47 4.19 13.06
C ASN A 57 14.90 2.76 12.79
N ALA A 58 15.10 2.42 11.52
CA ALA A 58 15.49 1.08 11.15
C ALA A 58 16.82 0.69 11.77
N ARG A 59 17.80 1.60 11.67
CA ARG A 59 19.13 1.31 12.22
C ARG A 59 19.07 1.10 13.73
N LYS A 60 18.21 1.86 14.39
CA LYS A 60 18.04 1.71 15.84
C LYS A 60 17.40 0.36 16.15
N LEU A 61 16.35 0.01 15.42
CA LEU A 61 15.66 -1.25 15.68
C LEU A 61 16.56 -2.45 15.37
N LEU A 62 17.36 -2.33 14.33
CA LEU A 62 18.25 -3.42 13.91
C LEU A 62 19.48 -3.54 14.80
N SER A 63 20.12 -2.42 15.10
CA SER A 63 21.39 -2.46 15.83
C SER A 63 21.22 -2.51 17.35
N GLU A 64 20.18 -1.87 17.87
CA GLU A 64 19.97 -1.81 19.30
C GLU A 64 19.03 -2.90 19.82
N GLU A 65 17.89 -3.08 19.17
CA GLU A 65 16.95 -4.12 19.61
C GLU A 65 17.20 -5.46 18.96
N LYS A 66 17.98 -5.46 17.87
CA LYS A 66 18.25 -6.69 17.12
C LYS A 66 16.95 -7.39 16.72
N VAL A 67 16.02 -6.64 16.16
CA VAL A 67 14.73 -7.21 15.81
C VAL A 67 14.86 -8.33 14.79
N ASP A 68 13.96 -9.29 14.86
CA ASP A 68 14.01 -10.44 13.96
C ASP A 68 13.40 -10.12 12.60
N VAL A 69 12.47 -9.17 12.59
CA VAL A 69 11.81 -8.72 11.37
C VAL A 69 11.63 -7.22 11.49
N LEU A 70 11.84 -6.51 10.39
CA LEU A 70 11.53 -5.08 10.30
C LEU A 70 10.31 -4.89 9.38
N ILE A 71 9.42 -3.98 9.77
CA ILE A 71 8.23 -3.69 8.98
C ILE A 71 8.16 -2.18 8.73
N GLY A 72 7.92 -1.80 7.48
CA GLY A 72 7.79 -0.39 7.14
C GLY A 72 8.45 -0.03 5.82
N SER A 73 8.39 1.24 5.44
CA SER A 73 7.53 2.23 6.07
C SER A 73 6.18 2.25 5.35
N SER A 74 5.47 3.37 5.45
CA SER A 74 4.11 3.49 4.91
C SER A 74 4.12 3.99 3.47
N LEU A 75 5.18 4.69 3.09
CA LEU A 75 5.26 5.37 1.81
C LEU A 75 6.47 4.88 1.03
N THR A 76 6.37 4.98 -0.29
CA THR A 76 7.46 4.53 -1.15
C THR A 76 8.82 5.23 -0.94
N PRO A 77 8.83 6.58 -0.97
CA PRO A 77 10.14 7.24 -0.84
C PRO A 77 10.76 6.99 0.54
N VAL A 78 9.92 6.75 1.53
CA VAL A 78 10.39 6.54 2.89
C VAL A 78 10.91 5.12 3.05
N SER A 79 10.33 4.20 2.27
CA SER A 79 10.71 2.79 2.35
C SER A 79 11.97 2.44 1.54
N LEU A 80 12.22 3.18 0.46
CA LEU A 80 13.32 2.85 -0.42
C LEU A 80 14.67 2.66 0.28
N PRO A 81 15.05 3.59 1.17
CA PRO A 81 16.36 3.39 1.81
C PRO A 81 16.40 2.19 2.76
N LEU A 82 15.25 1.69 3.17
CA LEU A 82 15.23 0.58 4.13
C LEU A 82 15.66 -0.72 3.48
N ILE A 83 15.53 -0.80 2.16
CA ILE A 83 15.90 -2.02 1.43
C ILE A 83 17.37 -2.38 1.69
N ASP A 84 18.27 -1.43 1.44
CA ASP A 84 19.69 -1.69 1.63
C ASP A 84 20.03 -1.91 3.10
N ILE A 85 19.32 -1.23 3.99
CA ILE A 85 19.61 -1.32 5.42
C ILE A 85 19.23 -2.71 5.94
N ALA A 86 18.04 -3.18 5.58
CA ALA A 86 17.61 -4.52 5.97
C ALA A 86 18.49 -5.61 5.35
N ALA A 87 18.82 -5.45 4.08
CA ALA A 87 19.66 -6.45 3.41
C ALA A 87 21.02 -6.56 4.07
N GLU A 88 21.61 -5.42 4.44
CA GLU A 88 22.93 -5.43 5.05
C GLU A 88 22.87 -6.12 6.42
N ALA A 89 21.74 -5.95 7.08
CA ALA A 89 21.51 -6.53 8.40
C ALA A 89 21.01 -7.98 8.33
N LYS A 90 20.85 -8.50 7.11
CA LYS A 90 20.28 -9.84 6.90
C LYS A 90 19.02 -10.04 7.77
N THR A 91 18.10 -9.09 7.63
CA THR A 91 16.86 -9.09 8.37
C THR A 91 15.73 -8.89 7.38
N PRO A 92 14.71 -9.76 7.42
CA PRO A 92 13.60 -9.55 6.49
C PRO A 92 12.89 -8.21 6.73
N LEU A 93 12.53 -7.55 5.65
CA LEU A 93 11.77 -6.30 5.69
C LEU A 93 10.42 -6.51 5.05
N MSE A 94 9.36 -6.23 5.79
CA MSE A 94 8.00 -6.26 5.23
C MSE A 94 7.62 -4.82 4.97
O MSE A 94 7.29 -4.10 5.91
CB MSE A 94 7.02 -6.84 6.25
CG MSE A 94 7.52 -8.09 6.99
SE MSE A 94 8.01 -9.62 5.85
CE MSE A 94 6.23 -9.98 5.17
N THR A 95 7.70 -4.38 3.73
CA THR A 95 7.36 -2.99 3.47
C THR A 95 5.85 -2.85 3.37
N MSE A 96 5.34 -1.70 3.80
CA MSE A 96 3.89 -1.46 3.74
C MSE A 96 3.52 -0.50 2.62
O MSE A 96 2.35 -0.12 2.50
CB MSE A 96 3.35 -0.97 5.09
CG MSE A 96 3.52 -2.01 6.19
SE MSE A 96 2.85 -1.38 7.90
CE MSE A 96 4.18 0.03 8.30
N ALA A 97 4.50 -0.14 1.79
CA ALA A 97 4.27 0.80 0.69
C ALA A 97 3.98 0.08 -0.64
N ALA A 98 3.76 0.85 -1.72
CA ALA A 98 3.09 0.27 -2.89
C ALA A 98 3.91 0.13 -4.17
N ALA A 99 4.93 0.96 -4.37
CA ALA A 99 5.60 0.98 -5.67
C ALA A 99 6.32 -0.32 -5.99
N ALA A 100 6.24 -0.73 -7.26
CA ALA A 100 6.82 -2.00 -7.69
C ALA A 100 8.32 -2.05 -7.42
N ILE A 101 8.99 -0.91 -7.56
CA ILE A 101 10.44 -0.85 -7.40
C ILE A 101 10.89 -1.30 -6.01
N LEU A 102 9.98 -1.36 -5.05
CA LEU A 102 10.36 -1.77 -3.70
C LEU A 102 10.80 -3.24 -3.65
N VAL A 103 10.29 -4.05 -4.57
CA VAL A 103 10.64 -5.48 -4.57
C VAL A 103 10.94 -6.07 -5.95
N ALA A 104 10.73 -5.30 -7.02
CA ALA A 104 10.87 -5.83 -8.37
C ALA A 104 11.64 -4.86 -9.26
N PRO A 105 12.47 -5.38 -10.18
CA PRO A 105 12.78 -6.80 -10.33
C PRO A 105 13.60 -7.31 -9.15
N MSE A 106 13.59 -8.61 -8.94
CA MSE A 106 14.39 -9.21 -7.86
C MSE A 106 15.87 -8.85 -8.00
O MSE A 106 16.42 -8.76 -9.10
CB MSE A 106 14.20 -10.73 -7.86
CG MSE A 106 14.89 -11.47 -6.75
SE MSE A 106 14.50 -10.80 -4.96
CE MSE A 106 12.54 -10.79 -5.10
N ASP A 107 16.52 -8.63 -6.86
CA ASP A 107 17.98 -8.57 -6.82
C ASP A 107 18.47 -9.11 -5.48
N GLU A 108 19.77 -9.01 -5.22
CA GLU A 108 20.36 -9.62 -4.04
C GLU A 108 19.96 -8.93 -2.72
N ARG A 109 19.45 -7.70 -2.82
CA ARG A 109 19.01 -6.97 -1.64
C ARG A 109 17.52 -7.12 -1.43
N ARG A 110 16.75 -7.04 -2.52
CA ARG A 110 15.30 -7.24 -2.45
C ARG A 110 14.94 -8.70 -2.08
N LYS A 111 15.94 -9.57 -2.13
CA LYS A 111 15.80 -10.92 -1.62
C LYS A 111 15.34 -10.92 -0.15
N TRP A 112 15.64 -9.84 0.56
CA TRP A 112 15.26 -9.70 1.97
C TRP A 112 13.94 -8.98 2.18
N VAL A 113 13.30 -8.57 1.09
CA VAL A 113 12.12 -7.70 1.20
C VAL A 113 10.86 -8.40 0.74
N TYR A 114 9.77 -8.23 1.50
CA TYR A 114 8.46 -8.73 1.09
C TYR A 114 7.45 -7.59 1.11
N LYS A 115 6.34 -7.77 0.41
CA LYS A 115 5.47 -6.62 0.13
C LYS A 115 4.04 -7.06 -0.06
N VAL A 116 3.18 -6.82 0.94
CA VAL A 116 1.79 -7.26 0.84
C VAL A 116 0.88 -6.38 -0.04
N VAL A 117 1.22 -5.10 -0.22
CA VAL A 117 0.38 -4.25 -1.07
C VAL A 117 0.67 -4.62 -2.54
N PRO A 118 -0.37 -4.85 -3.33
CA PRO A 118 -0.05 -5.25 -4.72
C PRO A 118 0.78 -4.18 -5.45
N ASN A 119 1.74 -4.64 -6.24
CA ASN A 119 2.58 -3.72 -7.03
C ASN A 119 1.77 -2.75 -7.88
N ASP A 120 2.19 -1.49 -7.87
CA ASP A 120 1.46 -0.45 -8.60
C ASP A 120 1.38 -0.69 -10.10
N ASP A 121 2.34 -1.41 -10.69
CA ASP A 121 2.24 -1.66 -12.12
C ASP A 121 1.04 -2.54 -12.47
N ILE A 122 0.71 -3.49 -11.59
CA ILE A 122 -0.49 -4.29 -11.77
C ILE A 122 -1.72 -3.40 -11.74
N MSE A 123 -1.77 -2.50 -10.75
CA MSE A 123 -2.92 -1.60 -10.64
C MSE A 123 -3.01 -0.63 -11.82
O MSE A 123 -4.10 -0.37 -12.33
CB MSE A 123 -2.85 -0.80 -9.33
CG MSE A 123 -2.85 -1.64 -8.08
SE MSE A 123 -4.40 -2.81 -7.89
CE MSE A 123 -3.52 -4.45 -8.44
N ALA A 124 -1.87 -0.09 -12.24
CA ALA A 124 -1.84 0.86 -13.35
C ALA A 124 -2.31 0.20 -14.65
N GLU A 125 -1.90 -1.03 -14.89
CA GLU A 125 -2.38 -1.74 -16.06
C GLU A 125 -3.90 -1.95 -16.00
N ALA A 126 -4.41 -2.31 -14.82
CA ALA A 126 -5.83 -2.58 -14.66
C ALA A 126 -6.67 -1.33 -14.86
N ILE A 127 -6.28 -0.23 -14.24
CA ILE A 127 -7.03 1.01 -14.37
C ILE A 127 -6.90 1.56 -15.80
N GLY A 128 -5.73 1.38 -16.41
CA GLY A 128 -5.56 1.80 -17.79
C GLY A 128 -6.49 1.08 -18.75
N LYS A 129 -6.65 -0.22 -18.57
CA LYS A 129 -7.56 -0.99 -19.39
C LYS A 129 -8.99 -0.49 -19.20
N TYR A 130 -9.36 -0.21 -17.96
CA TYR A 130 -10.70 0.29 -17.68
C TYR A 130 -10.95 1.62 -18.37
N ILE A 131 -10.01 2.54 -18.19
CA ILE A 131 -10.12 3.87 -18.78
C ILE A 131 -10.31 3.75 -20.29
N ALA A 132 -9.52 2.91 -20.93
CA ALA A 132 -9.65 2.72 -22.37
C ALA A 132 -11.05 2.27 -22.76
N LYS A 133 -11.61 1.35 -21.98
CA LYS A 133 -12.92 0.79 -22.30
C LYS A 133 -14.07 1.78 -22.16
N THR A 134 -13.84 2.90 -21.47
CA THR A 134 -14.87 3.92 -21.31
C THR A 134 -15.01 4.76 -22.57
N GLY A 135 -14.02 4.67 -23.45
CA GLY A 135 -14.04 5.45 -24.68
C GLY A 135 -13.20 6.71 -24.59
N ALA A 136 -12.57 6.94 -23.43
CA ALA A 136 -11.69 8.09 -23.25
C ALA A 136 -10.51 8.00 -24.22
N LYS A 137 -10.18 9.11 -24.87
CA LYS A 137 -9.09 9.16 -25.84
CA LYS A 137 -9.08 9.14 -25.83
C LYS A 137 -7.95 10.07 -25.38
N LYS A 138 -8.29 11.05 -24.55
CA LYS A 138 -7.30 11.99 -24.02
C LYS A 138 -7.38 12.00 -22.50
N VAL A 139 -6.28 11.69 -21.84
CA VAL A 139 -6.29 11.57 -20.39
C VAL A 139 -5.23 12.50 -19.80
N GLY A 140 -5.64 13.44 -18.95
CA GLY A 140 -4.70 14.27 -18.24
C GLY A 140 -4.01 13.53 -17.11
N TYR A 141 -2.88 14.06 -16.64
CA TYR A 141 -2.14 13.41 -15.56
C TYR A 141 -1.52 14.41 -14.57
N ILE A 142 -1.79 14.18 -13.29
CA ILE A 142 -1.01 14.82 -12.23
C ILE A 142 -0.66 13.79 -11.17
N GLY A 143 0.56 13.82 -10.66
CA GLY A 143 0.94 12.86 -9.64
C GLY A 143 2.08 13.36 -8.77
N PHE A 144 2.35 12.66 -7.69
CA PHE A 144 3.46 13.04 -6.82
C PHE A 144 4.78 13.02 -7.60
N SER A 145 5.66 13.97 -7.29
CA SER A 145 7.01 14.00 -7.87
C SER A 145 7.96 13.09 -7.09
N ASP A 146 7.60 11.81 -7.03
CA ASP A 146 8.41 10.82 -6.37
C ASP A 146 8.20 9.46 -7.03
N ALA A 147 8.82 8.43 -6.47
CA ALA A 147 8.78 7.11 -7.10
C ALA A 147 7.39 6.50 -7.12
N TYR A 148 6.53 6.89 -6.19
CA TYR A 148 5.15 6.39 -6.21
C TYR A 148 4.41 6.95 -7.40
N GLY A 149 4.41 8.28 -7.54
CA GLY A 149 3.72 8.89 -8.66
C GLY A 149 4.30 8.43 -9.98
N GLU A 150 5.62 8.45 -10.07
CA GLU A 150 6.28 8.12 -11.33
C GLU A 150 6.06 6.67 -11.76
N GLY A 151 5.84 5.77 -10.79
CA GLY A 151 5.48 4.40 -11.11
C GLY A 151 4.16 4.30 -11.88
N TYR A 152 3.20 5.15 -11.52
CA TYR A 152 1.95 5.21 -12.28
C TYR A 152 2.17 5.86 -13.61
N TYR A 153 2.87 6.99 -13.63
CA TYR A 153 3.07 7.67 -14.90
C TYR A 153 3.72 6.78 -15.95
N LYS A 154 4.81 6.11 -15.56
CA LYS A 154 5.56 5.37 -16.55
C LYS A 154 4.77 4.21 -17.14
N VAL A 155 3.99 3.54 -16.30
CA VAL A 155 3.22 2.40 -16.79
C VAL A 155 2.06 2.86 -17.67
N LEU A 156 1.37 3.91 -17.24
CA LEU A 156 0.26 4.44 -18.03
C LEU A 156 0.76 4.99 -19.36
N ALA A 157 1.92 5.64 -19.32
CA ALA A 157 2.49 6.22 -20.54
C ALA A 157 2.87 5.15 -21.54
N ALA A 158 3.39 4.03 -21.05
CA ALA A 158 3.76 2.93 -21.93
C ALA A 158 2.52 2.21 -22.46
N ALA A 159 1.51 2.09 -21.60
CA ALA A 159 0.29 1.40 -21.96
C ALA A 159 -0.60 2.21 -22.91
N ALA A 160 -0.54 3.53 -22.80
CA ALA A 160 -1.45 4.41 -23.53
C ALA A 160 -1.60 4.08 -25.02
N PRO A 161 -0.49 4.10 -25.77
CA PRO A 161 -0.63 3.85 -27.21
C PRO A 161 -1.16 2.46 -27.52
N LYS A 162 -0.89 1.47 -26.67
CA LYS A 162 -1.38 0.12 -26.89
C LYS A 162 -2.87 -0.01 -26.54
N LEU A 163 -3.36 0.90 -25.73
CA LEU A 163 -4.75 0.86 -25.28
C LEU A 163 -5.65 1.83 -26.04
N GLY A 164 -5.06 2.78 -26.74
CA GLY A 164 -5.83 3.65 -27.61
C GLY A 164 -6.18 5.01 -27.03
N PHE A 165 -5.43 5.46 -26.02
CA PHE A 165 -5.56 6.83 -25.55
C PHE A 165 -4.19 7.50 -25.46
N GLU A 166 -4.19 8.81 -25.21
CA GLU A 166 -2.94 9.51 -25.02
C GLU A 166 -2.97 10.29 -23.71
N LEU A 167 -1.83 10.37 -23.04
CA LEU A 167 -1.69 11.20 -21.87
C LEU A 167 -1.38 12.61 -22.33
N THR A 168 -2.17 13.59 -21.87
CA THR A 168 -2.01 14.95 -22.40
C THR A 168 -1.00 15.77 -21.64
N THR A 169 -0.67 15.34 -20.43
CA THR A 169 0.25 16.09 -19.57
C THR A 169 1.07 15.14 -18.71
N HIS A 170 2.09 15.72 -18.08
CA HIS A 170 2.83 15.04 -17.03
C HIS A 170 3.11 16.06 -15.94
N GLU A 171 2.05 16.45 -15.22
CA GLU A 171 2.18 17.39 -14.12
C GLU A 171 2.50 16.67 -12.81
N VAL A 172 3.25 17.33 -11.94
CA VAL A 172 3.60 16.72 -10.67
C VAL A 172 3.42 17.73 -9.55
N TYR A 173 3.28 17.22 -8.33
CA TYR A 173 3.35 18.06 -7.14
C TYR A 173 4.01 17.34 -6.00
N ALA A 174 4.47 18.08 -4.99
CA ALA A 174 5.03 17.48 -3.79
C ALA A 174 3.93 17.31 -2.75
N ARG A 175 4.06 16.29 -1.89
CA ARG A 175 2.94 15.86 -1.05
C ARG A 175 2.32 16.96 -0.18
N SER A 176 3.15 17.84 0.37
CA SER A 176 2.62 18.86 1.28
C SER A 176 2.23 20.18 0.60
N ASP A 177 2.36 20.24 -0.72
CA ASP A 177 2.08 21.50 -1.43
C ASP A 177 0.72 22.12 -1.08
N ALA A 178 0.70 23.44 -0.92
CA ALA A 178 -0.53 24.16 -0.62
C ALA A 178 -1.47 24.28 -1.82
N SER A 179 -0.90 24.32 -3.03
CA SER A 179 -1.70 24.57 -4.23
C SER A 179 -1.19 23.73 -5.41
N VAL A 180 -2.11 23.32 -6.28
CA VAL A 180 -1.74 22.71 -7.56
C VAL A 180 -2.46 23.44 -8.70
N THR A 181 -2.74 24.72 -8.49
CA THR A 181 -3.55 25.45 -9.45
C THR A 181 -2.91 25.54 -10.83
N GLY A 182 -1.62 25.86 -10.86
CA GLY A 182 -0.89 25.94 -12.12
C GLY A 182 -0.99 24.65 -12.91
N GLN A 183 -0.76 23.53 -12.23
CA GLN A 183 -0.80 22.22 -12.86
C GLN A 183 -2.19 21.92 -13.39
N VAL A 184 -3.20 22.17 -12.56
CA VAL A 184 -4.57 21.87 -12.93
C VAL A 184 -5.05 22.72 -14.11
N LEU A 185 -4.67 23.99 -14.14
CA LEU A 185 -5.01 24.84 -15.28
C LEU A 185 -4.38 24.30 -16.57
N LYS A 186 -3.14 23.81 -16.48
CA LYS A 186 -2.48 23.25 -17.66
C LYS A 186 -3.23 22.01 -18.15
N ILE A 187 -3.64 21.15 -17.22
CA ILE A 187 -4.38 19.95 -17.59
C ILE A 187 -5.70 20.34 -18.25
N ILE A 188 -6.42 21.26 -17.63
CA ILE A 188 -7.72 21.69 -18.17
C ILE A 188 -7.60 22.27 -19.56
N ALA A 189 -6.51 22.99 -19.81
CA ALA A 189 -6.28 23.60 -21.11
C ALA A 189 -6.09 22.58 -22.22
N THR A 190 -5.69 21.36 -21.86
CA THR A 190 -5.55 20.29 -22.86
C THR A 190 -6.88 19.67 -23.24
N LYS A 191 -7.94 20.06 -22.54
CA LYS A 191 -9.30 19.56 -22.82
C LYS A 191 -9.40 18.04 -22.85
N PRO A 192 -8.98 17.38 -21.75
CA PRO A 192 -8.98 15.91 -21.74
C PRO A 192 -10.38 15.35 -21.49
N ASP A 193 -10.55 14.07 -21.81
CA ASP A 193 -11.80 13.37 -21.52
C ASP A 193 -11.86 12.97 -20.05
N ALA A 194 -10.70 12.72 -19.46
CA ALA A 194 -10.60 12.25 -18.08
C ALA A 194 -9.26 12.70 -17.54
N VAL A 195 -9.10 12.66 -16.22
CA VAL A 195 -7.81 12.98 -15.62
C VAL A 195 -7.43 11.88 -14.64
N PHE A 196 -6.16 11.48 -14.70
CA PHE A 196 -5.63 10.53 -13.75
C PHE A 196 -4.80 11.25 -12.70
N ILE A 197 -5.03 10.91 -11.43
CA ILE A 197 -4.26 11.46 -10.32
C ILE A 197 -3.53 10.32 -9.59
N ALA A 198 -2.21 10.46 -9.46
CA ALA A 198 -1.39 9.46 -8.78
C ALA A 198 -0.91 10.07 -7.46
N SER A 199 -1.67 9.79 -6.40
CA SER A 199 -1.42 10.39 -5.10
C SER A 199 -1.82 9.41 -3.99
N ALA A 200 -1.66 9.82 -2.74
CA ALA A 200 -1.99 8.93 -1.62
C ALA A 200 -2.28 9.75 -0.39
N GLY A 201 -3.18 9.23 0.46
CA GLY A 201 -3.50 9.89 1.70
C GLY A 201 -4.31 11.15 1.44
N THR A 202 -4.43 11.98 2.47
CA THR A 202 -5.22 13.19 2.36
C THR A 202 -4.70 14.20 1.32
N PRO A 203 -3.38 14.18 1.01
CA PRO A 203 -2.95 15.06 -0.10
C PRO A 203 -3.62 14.79 -1.45
N ALA A 204 -4.23 13.62 -1.63
CA ALA A 204 -4.89 13.28 -2.90
C ALA A 204 -6.18 14.07 -3.13
N VAL A 205 -6.71 14.66 -2.08
CA VAL A 205 -7.95 15.42 -2.22
C VAL A 205 -7.73 16.69 -3.05
N LEU A 206 -6.63 17.39 -2.78
CA LEU A 206 -6.38 18.70 -3.39
C LEU A 206 -6.50 18.74 -4.92
N PRO A 207 -5.77 17.86 -5.64
CA PRO A 207 -5.91 17.96 -7.11
C PRO A 207 -7.32 17.66 -7.60
N GLN A 208 -8.04 16.79 -6.92
CA GLN A 208 -9.38 16.45 -7.38
C GLN A 208 -10.35 17.60 -7.12
N LYS A 209 -10.30 18.17 -5.91
CA LYS A 209 -11.11 19.33 -5.61
C LYS A 209 -10.76 20.49 -6.54
N ALA A 210 -9.48 20.66 -6.85
CA ALA A 210 -9.04 21.76 -7.70
C ALA A 210 -9.61 21.61 -9.10
N LEU A 211 -9.59 20.39 -9.64
CA LEU A 211 -10.15 20.14 -10.96
C LEU A 211 -11.63 20.47 -10.98
N ARG A 212 -12.36 20.00 -9.98
CA ARG A 212 -13.80 20.25 -9.93
C ARG A 212 -14.11 21.74 -9.78
N GLU A 213 -13.37 22.42 -8.92
CA GLU A 213 -13.58 23.86 -8.70
C GLU A 213 -13.23 24.70 -9.93
N ARG A 214 -12.31 24.19 -10.77
CA ARG A 214 -11.92 24.92 -11.98
C ARG A 214 -12.75 24.48 -13.18
N GLY A 215 -13.80 23.71 -12.92
CA GLY A 215 -14.80 23.44 -13.95
C GLY A 215 -14.69 22.13 -14.71
N PHE A 216 -13.73 21.28 -14.35
CA PHE A 216 -13.62 20.00 -15.05
C PHE A 216 -14.75 19.08 -14.63
N LYS A 217 -15.46 18.55 -15.62
CA LYS A 217 -16.65 17.73 -15.36
C LYS A 217 -16.46 16.28 -15.78
N GLY A 218 -15.30 15.96 -16.34
CA GLY A 218 -15.03 14.61 -16.81
C GLY A 218 -14.69 13.62 -15.71
N ALA A 219 -14.47 12.37 -16.11
CA ALA A 219 -14.10 11.33 -15.16
C ALA A 219 -12.76 11.64 -14.50
N ILE A 220 -12.66 11.37 -13.20
CA ILE A 220 -11.39 11.47 -12.49
C ILE A 220 -11.04 10.12 -11.90
N TYR A 221 -9.82 9.67 -12.17
CA TYR A 221 -9.34 8.40 -11.68
C TYR A 221 -8.26 8.64 -10.66
N GLN A 222 -8.27 7.84 -9.59
CA GLN A 222 -7.23 7.91 -8.57
C GLN A 222 -6.53 6.55 -8.46
N THR A 223 -5.84 6.33 -7.34
CA THR A 223 -5.13 5.09 -7.05
C THR A 223 -5.53 4.55 -5.68
N HIS A 224 -5.08 3.34 -5.37
CA HIS A 224 -5.37 2.76 -4.06
C HIS A 224 -4.75 3.51 -2.88
N GLY A 225 -3.95 4.54 -3.16
CA GLY A 225 -3.49 5.43 -2.11
C GLY A 225 -4.62 6.23 -1.48
N VAL A 226 -5.79 6.26 -2.12
CA VAL A 226 -6.91 7.06 -1.60
C VAL A 226 -7.96 6.22 -0.85
N ALA A 227 -7.68 4.93 -0.68
CA ALA A 227 -8.71 3.97 -0.23
C ALA A 227 -9.04 4.06 1.26
N THR A 228 -8.89 5.25 1.83
CA THR A 228 -9.24 5.50 3.23
C THR A 228 -10.49 6.36 3.31
N GLU A 229 -11.35 6.06 4.28
CA GLU A 229 -12.56 6.86 4.45
C GLU A 229 -12.24 8.32 4.81
N GLU A 230 -11.00 8.60 5.22
CA GLU A 230 -10.60 9.97 5.50
CA GLU A 230 -10.60 9.97 5.50
C GLU A 230 -10.60 10.79 4.22
N PHE A 231 -10.28 10.13 3.10
CA PHE A 231 -10.29 10.76 1.79
C PHE A 231 -11.73 11.09 1.37
N ILE A 232 -12.65 10.17 1.64
CA ILE A 232 -14.06 10.44 1.36
C ILE A 232 -14.58 11.59 2.21
N LYS A 233 -14.20 11.61 3.48
CA LYS A 233 -14.70 12.64 4.40
C LYS A 233 -14.21 14.03 4.01
N LEU A 234 -12.91 14.14 3.72
CA LEU A 234 -12.33 15.41 3.34
C LEU A 234 -12.80 15.85 1.95
N GLY A 235 -12.95 14.89 1.05
CA GLY A 235 -13.26 15.18 -0.34
C GLY A 235 -14.73 15.48 -0.60
N GLY A 236 -15.61 14.84 0.16
CA GLY A 236 -17.04 15.09 0.00
C GLY A 236 -17.55 14.88 -1.42
N LYS A 237 -18.45 15.76 -1.85
CA LYS A 237 -19.08 15.65 -3.16
CA LYS A 237 -19.08 15.60 -3.17
C LYS A 237 -18.06 15.65 -4.30
N ASP A 238 -16.94 16.35 -4.09
CA ASP A 238 -15.92 16.46 -5.14
C ASP A 238 -15.22 15.14 -5.51
N VAL A 239 -15.18 14.18 -4.58
CA VAL A 239 -14.56 12.89 -4.89
C VAL A 239 -15.57 11.79 -5.20
N GLU A 240 -16.86 12.10 -5.10
CA GLU A 240 -17.90 11.18 -5.52
CA GLU A 240 -17.89 11.17 -5.52
C GLU A 240 -17.59 10.74 -6.94
N GLY A 241 -17.68 9.44 -7.20
CA GLY A 241 -17.46 8.91 -8.53
C GLY A 241 -16.02 8.58 -8.90
N ALA A 242 -15.08 8.91 -8.02
CA ALA A 242 -13.69 8.55 -8.24
C ALA A 242 -13.60 7.04 -8.38
N ILE A 243 -12.77 6.58 -9.32
CA ILE A 243 -12.54 5.16 -9.56
C ILE A 243 -11.02 4.88 -9.47
N PHE A 244 -10.66 3.75 -8.88
CA PHE A 244 -9.26 3.35 -8.81
C PHE A 244 -9.18 1.84 -8.80
N ALA A 245 -8.02 1.31 -9.19
CA ALA A 245 -7.74 -0.11 -9.03
C ALA A 245 -7.15 -0.32 -7.64
N GLY A 246 -7.76 -1.23 -6.89
CA GLY A 246 -7.33 -1.45 -5.51
C GLY A 246 -7.54 -2.88 -5.04
N GLU A 247 -7.63 -3.00 -3.72
CA GLU A 247 -7.56 -4.29 -3.05
C GLU A 247 -8.92 -4.89 -2.71
N ALA A 248 -8.92 -6.21 -2.55
CA ALA A 248 -10.13 -6.93 -2.19
C ALA A 248 -10.83 -6.32 -0.95
N PHE A 249 -10.04 -5.92 0.04
CA PHE A 249 -10.58 -5.27 1.25
C PHE A 249 -11.62 -4.21 0.91
N SER A 250 -11.32 -3.40 -0.09
CA SER A 250 -12.16 -2.23 -0.41
C SER A 250 -13.47 -2.64 -1.07
N GLY A 251 -13.50 -3.85 -1.63
CA GLY A 251 -14.69 -4.32 -2.33
C GLY A 251 -15.38 -5.47 -1.62
N ALA A 252 -14.93 -5.77 -0.40
CA ALA A 252 -15.38 -6.97 0.30
C ALA A 252 -16.89 -7.01 0.55
N GLU A 253 -17.51 -5.84 0.73
CA GLU A 253 -18.94 -5.81 1.05
C GLU A 253 -19.83 -6.14 -0.16
N ASP A 254 -19.23 -6.17 -1.35
CA ASP A 254 -19.98 -6.47 -2.57
C ASP A 254 -19.54 -7.83 -3.11
N MSE A 255 -19.21 -8.75 -2.20
CA MSE A 255 -18.79 -10.10 -2.56
C MSE A 255 -19.64 -11.14 -1.85
O MSE A 255 -20.33 -10.84 -0.87
CB MSE A 255 -17.32 -10.31 -2.20
CG MSE A 255 -16.37 -9.38 -2.95
SE MSE A 255 -14.55 -9.73 -2.41
CE MSE A 255 -13.63 -8.51 -3.61
N PRO A 256 -19.64 -12.39 -2.34
CA PRO A 256 -20.41 -13.46 -1.71
C PRO A 256 -20.02 -13.63 -0.23
N ALA A 257 -20.98 -14.05 0.57
CA ALA A 257 -20.79 -14.20 2.01
C ALA A 257 -19.61 -15.09 2.39
N ASP A 258 -19.39 -16.15 1.62
CA ASP A 258 -18.30 -17.08 1.89
C ASP A 258 -16.96 -16.65 1.30
N SER A 259 -16.90 -15.45 0.72
CA SER A 259 -15.63 -15.00 0.14
C SER A 259 -14.51 -15.03 1.17
N PRO A 260 -13.36 -15.62 0.80
CA PRO A 260 -12.25 -15.61 1.75
C PRO A 260 -11.86 -14.17 2.12
N PHE A 261 -12.13 -13.23 1.22
CA PHE A 261 -11.74 -11.85 1.50
C PHE A 261 -12.62 -11.22 2.59
N ARG A 262 -13.87 -11.65 2.69
CA ARG A 262 -14.69 -11.21 3.82
C ARG A 262 -14.15 -11.76 5.14
N LYS A 263 -13.75 -13.03 5.11
CA LYS A 263 -13.27 -13.71 6.31
C LYS A 263 -12.00 -13.07 6.85
N VAL A 264 -11.02 -12.82 5.96
CA VAL A 264 -9.77 -12.25 6.44
C VAL A 264 -9.93 -10.79 6.86
N LYS A 265 -10.95 -10.13 6.31
CA LYS A 265 -11.22 -8.74 6.68
C LYS A 265 -11.87 -8.71 8.07
N ALA A 266 -12.82 -9.61 8.29
CA ALA A 266 -13.51 -9.71 9.57
C ALA A 266 -12.53 -9.92 10.73
N ARG A 267 -11.55 -10.79 10.55
CA ARG A 267 -10.53 -11.06 11.57
C ARG A 267 -9.85 -9.76 11.96
N PHE A 268 -9.42 -9.03 10.94
CA PHE A 268 -8.70 -7.79 11.17
C PHE A 268 -9.60 -6.75 11.83
N VAL A 269 -10.76 -6.52 11.27
CA VAL A 269 -11.67 -5.52 11.82
C VAL A 269 -12.02 -5.82 13.27
N ASP A 270 -12.34 -7.07 13.59
CA ASP A 270 -12.70 -7.45 14.95
C ASP A 270 -11.55 -7.22 15.95
N ALA A 271 -10.34 -7.60 15.56
CA ALA A 271 -9.17 -7.41 16.43
C ALA A 271 -8.88 -5.93 16.61
N TYR A 272 -8.96 -5.17 15.52
CA TYR A 272 -8.70 -3.73 15.58
C TYR A 272 -9.71 -3.04 16.49
N LYS A 273 -10.98 -3.36 16.31
CA LYS A 273 -12.02 -2.77 17.15
C LYS A 273 -11.79 -3.07 18.62
N ALA A 274 -11.38 -4.31 18.91
CA ALA A 274 -11.17 -4.73 20.30
C ALA A 274 -10.02 -3.95 20.93
N ALA A 275 -9.05 -3.57 20.13
CA ALA A 275 -7.87 -2.86 20.63
C ALA A 275 -8.06 -1.35 20.62
N ASN A 276 -9.09 -0.87 19.93
CA ASN A 276 -9.27 0.56 19.72
C ASN A 276 -10.63 1.11 20.12
N GLY A 277 -11.20 0.54 21.17
CA GLY A 277 -12.44 1.05 21.73
C GLY A 277 -13.64 0.97 20.79
N GLY A 278 -13.62 0.00 19.88
CA GLY A 278 -14.75 -0.22 19.00
C GLY A 278 -14.67 0.55 17.69
N ALA A 279 -13.66 1.40 17.55
CA ALA A 279 -13.46 2.16 16.31
C ALA A 279 -13.07 1.24 15.15
N ALA A 280 -13.64 1.52 13.97
CA ALA A 280 -13.35 0.71 12.80
C ALA A 280 -12.07 1.18 12.10
N PRO A 281 -11.28 0.23 11.56
CA PRO A 281 -10.04 0.60 10.86
C PRO A 281 -10.27 1.06 9.43
N THR A 282 -9.34 1.83 8.90
CA THR A 282 -9.27 2.01 7.45
C THR A 282 -8.26 1.02 6.88
N ILE A 283 -8.22 0.93 5.57
CA ILE A 283 -7.44 -0.12 4.93
C ILE A 283 -5.96 -0.11 5.30
N PHE A 284 -5.39 1.05 5.57
CA PHE A 284 -3.94 1.08 5.69
C PHE A 284 -3.39 0.27 6.85
N GLY A 285 -4.21 0.11 7.89
CA GLY A 285 -3.82 -0.72 9.02
C GLY A 285 -3.66 -2.16 8.59
N VAL A 286 -4.38 -2.55 7.54
CA VAL A 286 -4.36 -3.96 7.13
C VAL A 286 -3.05 -4.29 6.45
N HIS A 287 -2.30 -3.28 6.02
CA HIS A 287 -0.99 -3.56 5.46
C HIS A 287 0.00 -4.03 6.51
N LEU A 288 -0.21 -3.61 7.76
CA LEU A 288 0.57 -4.16 8.87
C LEU A 288 0.04 -5.55 9.23
N TRP A 289 -1.28 -5.65 9.32
CA TRP A 289 -1.92 -6.92 9.67
C TRP A 289 -1.51 -8.03 8.70
N ASP A 290 -1.62 -7.79 7.40
CA ASP A 290 -1.32 -8.82 6.40
C ASP A 290 0.19 -9.16 6.42
N SER A 291 1.02 -8.15 6.68
CA SER A 291 2.46 -8.42 6.79
C SER A 291 2.70 -9.40 7.94
N MSE A 292 1.99 -9.18 9.05
CA MSE A 292 2.10 -10.08 10.19
C MSE A 292 1.53 -11.47 9.90
O MSE A 292 1.99 -12.45 10.48
CB MSE A 292 1.48 -9.47 11.44
CG MSE A 292 2.39 -8.43 12.10
SE MSE A 292 4.17 -9.11 12.61
CE MSE A 292 3.57 -10.64 13.69
N THR A 293 0.56 -11.58 9.00
CA THR A 293 0.06 -12.89 8.63
C THR A 293 1.20 -13.71 8.02
N LEU A 294 1.96 -13.10 7.11
CA LEU A 294 3.10 -13.80 6.52
C LEU A 294 4.14 -14.16 7.58
N VAL A 295 4.43 -13.21 8.47
CA VAL A 295 5.43 -13.45 9.51
C VAL A 295 4.98 -14.55 10.46
N GLU A 296 3.74 -14.47 10.93
CA GLU A 296 3.21 -15.48 11.84
CA GLU A 296 3.17 -15.49 11.81
C GLU A 296 3.25 -16.87 11.21
N ASN A 297 2.92 -16.98 9.93
CA ASN A 297 2.93 -18.27 9.26
C ASN A 297 4.32 -18.87 9.14
N ALA A 298 5.32 -17.99 9.10
CA ALA A 298 6.71 -18.42 8.91
C ALA A 298 7.39 -18.78 10.22
N ILE A 299 6.89 -18.25 11.32
CA ILE A 299 7.59 -18.38 12.59
C ILE A 299 7.77 -19.82 13.11
N PRO A 300 6.74 -20.67 13.01
CA PRO A 300 6.92 -22.02 13.54
C PRO A 300 8.08 -22.79 12.90
N ALA A 301 8.18 -22.73 11.57
CA ALA A 301 9.30 -23.39 10.90
C ALA A 301 10.64 -22.75 11.27
N ALA A 302 10.66 -21.42 11.36
CA ALA A 302 11.89 -20.71 11.75
C ALA A 302 12.37 -21.11 13.14
N LEU A 303 11.43 -21.32 14.06
CA LEU A 303 11.79 -21.71 15.43
C LEU A 303 12.41 -23.09 15.49
N LYS A 304 12.10 -23.93 14.51
CA LYS A 304 12.70 -25.26 14.44
C LYS A 304 14.17 -25.15 14.04
N ALA A 305 14.50 -24.08 13.34
CA ALA A 305 15.83 -23.90 12.77
C ALA A 305 16.80 -23.18 13.71
N ALA A 306 16.27 -22.27 14.52
CA ALA A 306 17.13 -21.40 15.31
C ALA A 306 16.35 -20.66 16.39
N LYS A 307 17.08 -20.11 17.36
CA LYS A 307 16.48 -19.29 18.40
C LYS A 307 16.28 -17.86 17.91
N PRO A 308 15.22 -17.19 18.40
CA PRO A 308 15.04 -15.78 18.09
C PRO A 308 16.28 -14.97 18.50
N GLY A 309 16.52 -13.88 17.79
CA GLY A 309 17.63 -13.01 18.08
C GLY A 309 18.93 -13.40 17.40
N THR A 310 18.88 -14.44 16.56
CA THR A 310 20.07 -14.88 15.84
C THR A 310 19.88 -14.66 14.34
N PRO A 311 21.00 -14.47 13.60
CA PRO A 311 20.87 -14.31 12.15
C PRO A 311 20.23 -15.54 11.52
N GLU A 312 20.48 -16.72 12.07
CA GLU A 312 19.89 -17.94 11.53
C GLU A 312 18.36 -17.94 11.60
N PHE A 313 17.82 -17.39 12.67
CA PHE A 313 16.37 -17.29 12.82
C PHE A 313 15.80 -16.33 11.77
N ARG A 314 16.45 -15.18 11.61
CA ARG A 314 15.99 -14.20 10.62
C ARG A 314 16.07 -14.77 9.21
N ALA A 315 17.14 -15.51 8.92
CA ALA A 315 17.33 -16.11 7.61
C ALA A 315 16.27 -17.19 7.36
N ALA A 316 15.89 -17.90 8.42
CA ALA A 316 14.84 -18.91 8.31
C ALA A 316 13.48 -18.27 8.00
N ILE A 317 13.17 -17.15 8.66
CA ILE A 317 11.95 -16.43 8.33
CA ILE A 317 11.96 -16.40 8.34
C ILE A 317 11.96 -16.01 6.87
N ARG A 318 13.09 -15.45 6.41
CA ARG A 318 13.21 -15.03 5.02
C ARG A 318 12.94 -16.20 4.09
N ASP A 319 13.54 -17.35 4.38
CA ASP A 319 13.36 -18.54 3.52
C ASP A 319 11.91 -19.00 3.51
N GLN A 320 11.27 -18.95 4.68
CA GLN A 320 9.92 -19.49 4.81
C GLN A 320 8.85 -18.64 4.12
N ILE A 321 8.97 -17.32 4.20
CA ILE A 321 7.98 -16.45 3.58
C ILE A 321 8.01 -16.63 2.07
N GLU A 322 9.20 -16.90 1.53
CA GLU A 322 9.39 -17.08 0.09
C GLU A 322 8.63 -18.30 -0.42
N LYS A 323 8.25 -19.19 0.49
CA LYS A 323 7.56 -20.43 0.14
C LYS A 323 6.04 -20.33 0.27
N SER A 324 5.56 -19.17 0.72
CA SER A 324 4.12 -18.97 0.94
C SER A 324 3.31 -19.09 -0.33
N LYS A 325 2.25 -19.90 -0.30
CA LYS A 325 1.41 -20.12 -1.47
C LYS A 325 -0.07 -20.12 -1.14
N ASP A 326 -0.86 -19.73 -2.14
CA ASP A 326 -2.32 -19.88 -2.08
CA ASP A 326 -2.33 -19.83 -2.10
C ASP A 326 -2.91 -19.20 -0.85
N LEU A 327 -2.45 -18.00 -0.55
CA LEU A 327 -2.85 -17.33 0.67
C LEU A 327 -3.76 -16.16 0.39
N ALA A 328 -4.98 -16.22 0.90
CA ALA A 328 -5.86 -15.07 0.81
C ALA A 328 -5.50 -14.05 1.89
N LEU A 329 -5.07 -12.88 1.44
CA LEU A 329 -4.83 -11.74 2.32
C LEU A 329 -5.88 -10.68 2.01
N ASN A 330 -5.99 -9.68 2.89
CA ASN A 330 -6.86 -8.55 2.59
C ASN A 330 -6.41 -7.84 1.33
N ASN A 331 -5.11 -7.92 1.06
CA ASN A 331 -4.54 -7.31 -0.13
C ASN A 331 -4.68 -8.12 -1.41
N GLY A 332 -5.15 -9.35 -1.31
CA GLY A 332 -5.36 -10.17 -2.49
C GLY A 332 -4.88 -11.61 -2.34
N LEU A 333 -4.85 -12.35 -3.45
CA LEU A 333 -4.43 -13.75 -3.42
C LEU A 333 -2.92 -13.81 -3.66
N SER A 334 -2.19 -14.21 -2.63
CA SER A 334 -0.74 -14.10 -2.59
C SER A 334 -0.03 -15.42 -2.84
N ASN A 335 0.87 -15.40 -3.81
CA ASN A 335 1.73 -16.55 -4.12
C ASN A 335 3.18 -16.09 -4.27
N MSE A 336 3.99 -16.36 -3.25
CA MSE A 336 5.39 -15.93 -3.29
C MSE A 336 6.24 -16.89 -4.10
O MSE A 336 5.94 -18.08 -4.16
CB MSE A 336 5.95 -15.87 -1.86
CG MSE A 336 5.28 -14.84 -0.98
SE MSE A 336 5.45 -13.03 -1.68
CE MSE A 336 4.73 -12.10 -0.14
N THR A 337 7.28 -16.36 -4.71
CA THR A 337 8.30 -17.17 -5.38
C THR A 337 9.66 -16.50 -5.13
N PRO A 338 10.75 -17.20 -5.44
CA PRO A 338 12.06 -16.56 -5.24
C PRO A 338 12.21 -15.22 -5.97
N ASP A 339 11.57 -15.07 -7.14
CA ASP A 339 11.69 -13.82 -7.89
C ASP A 339 10.53 -12.85 -7.70
N ASN A 340 9.45 -13.33 -7.10
CA ASN A 340 8.30 -12.45 -6.85
C ASN A 340 7.96 -12.39 -5.38
N HIS A 341 8.41 -11.31 -4.72
CA HIS A 341 8.19 -11.13 -3.29
C HIS A 341 6.99 -10.22 -3.02
N ASN A 342 6.17 -10.05 -4.05
CA ASN A 342 4.90 -9.31 -3.94
C ASN A 342 3.78 -10.37 -3.90
N GLY A 343 3.65 -11.16 -4.97
CA GLY A 343 2.84 -12.37 -4.91
C GLY A 343 1.52 -12.32 -5.65
N TYR A 344 1.27 -11.25 -6.40
CA TYR A 344 -0.04 -11.03 -7.02
C TYR A 344 -0.01 -10.99 -8.53
N ASP A 345 -1.15 -11.30 -9.14
CA ASP A 345 -1.34 -11.01 -10.55
C ASP A 345 -2.63 -10.19 -10.73
N GLU A 346 -3.08 -10.06 -11.99
CA GLU A 346 -4.19 -9.15 -12.31
C GLU A 346 -5.50 -9.55 -11.61
N ARG A 347 -5.59 -10.81 -11.17
CA ARG A 347 -6.79 -11.27 -10.47
CA ARG A 347 -6.76 -11.29 -10.45
C ARG A 347 -6.99 -10.57 -9.12
N SER A 348 -5.94 -9.91 -8.62
CA SER A 348 -6.07 -9.18 -7.37
C SER A 348 -6.27 -7.67 -7.57
N ALA A 349 -6.47 -7.25 -8.81
CA ALA A 349 -6.80 -5.86 -9.10
C ALA A 349 -8.32 -5.71 -9.18
N PHE A 350 -8.88 -5.03 -8.18
CA PHE A 350 -10.33 -4.81 -8.12
C PHE A 350 -10.63 -3.35 -8.41
N LEU A 351 -11.60 -3.09 -9.29
CA LEU A 351 -11.98 -1.73 -9.59
C LEU A 351 -12.93 -1.25 -8.51
N ILE A 352 -12.58 -0.14 -7.87
CA ILE A 352 -13.35 0.40 -6.76
C ILE A 352 -13.86 1.78 -7.14
N GLU A 353 -15.09 2.08 -6.75
CA GLU A 353 -15.66 3.40 -7.00
C GLU A 353 -16.15 4.00 -5.70
N ILE A 354 -16.00 5.31 -5.54
CA ILE A 354 -16.66 6.02 -4.45
C ILE A 354 -18.10 6.33 -4.88
N ARG A 355 -19.06 5.73 -4.17
CA ARG A 355 -20.48 5.89 -4.48
C ARG A 355 -21.23 6.16 -3.19
N ASP A 356 -21.95 7.28 -3.15
CA ASP A 356 -22.72 7.66 -1.97
C ASP A 356 -21.85 7.65 -0.70
N GLY A 357 -20.63 8.16 -0.83
CA GLY A 357 -19.76 8.31 0.32
C GLY A 357 -19.17 7.02 0.86
N ALA A 358 -19.10 5.99 0.03
CA ALA A 358 -18.51 4.72 0.44
C ALA A 358 -17.74 4.06 -0.71
N PHE A 359 -16.69 3.32 -0.36
CA PHE A 359 -15.98 2.51 -1.36
C PHE A 359 -16.83 1.30 -1.75
N ARG A 360 -16.98 1.12 -3.05
CA ARG A 360 -17.81 0.02 -3.57
C ARG A 360 -17.05 -0.72 -4.65
N LEU A 361 -17.24 -2.05 -4.70
CA LEU A 361 -16.68 -2.83 -5.78
C LEU A 361 -17.45 -2.45 -7.05
N LYS A 362 -16.73 -2.00 -8.07
CA LYS A 362 -17.39 -1.51 -9.27
C LYS A 362 -17.68 -2.58 -10.31
N GLN A 363 -16.73 -3.48 -10.55
CA GLN A 363 -17.01 -4.55 -11.52
C GLN A 363 -16.34 -5.88 -11.18
C1 PPY B . 3.25 6.17 -1.30
O1 PPY B . 2.50 7.15 -1.08
O2 PPY B . 4.46 6.26 -1.52
C2 PPY B . 2.68 4.83 -1.38
O3 PPY B . 3.43 3.86 -1.50
C3 PPY B . 1.19 4.88 -1.30
C1' PPY B . 0.49 3.62 -1.00
C2' PPY B . -0.61 3.27 -1.71
C3' PPY B . -1.34 2.00 -1.41
C4' PPY B . -0.91 1.19 -0.40
C5' PPY B . 0.30 1.59 0.38
C6' PPY B . 0.97 2.75 0.11
C1 GOL C . -4.67 9.75 10.32
O1 GOL C . -5.84 9.02 10.60
C2 GOL C . -4.99 11.24 10.24
O2 GOL C . -4.98 11.63 8.88
C3 GOL C . -3.92 12.02 11.00
O3 GOL C . -4.17 13.40 10.92
C1 GOL D . 2.64 23.80 -13.57
O1 GOL D . 3.42 23.19 -14.58
C2 GOL D . 3.54 24.68 -12.71
O2 GOL D . 4.12 23.90 -11.69
C3 GOL D . 2.72 25.82 -12.10
O3 GOL D . 2.41 26.77 -13.09
C1 3PY E . -2.44 -11.83 11.37
O1 3PY E . -2.03 -10.81 10.75
O2 3PY E . -2.90 -12.82 10.74
C2 3PY E . -2.38 -11.83 12.84
O3 3PY E . -2.89 -12.73 13.49
C3 3PY E . -1.64 -10.73 13.52
O4 3PY E . -0.34 -11.16 13.65
O1 PG4 F . -17.62 2.63 8.06
C1 PG4 F . -17.04 2.60 6.82
C2 PG4 F . -15.58 2.29 6.94
O2 PG4 F . -15.02 3.03 7.97
C3 PG4 F . -13.69 2.85 8.27
C4 PG4 F . -13.28 3.73 9.41
O3 PG4 F . -13.11 5.02 8.96
C5 PG4 F . -12.57 5.98 9.81
C6 PG4 F . -12.49 7.29 9.11
O4 PG4 F . -13.75 7.82 8.96
C7 PG4 F . -13.90 9.01 8.28
C8 PG4 F . -15.33 9.42 8.27
O5 PG4 F . -15.75 9.66 9.55
O1 PG4 G . 10.60 9.93 -13.63
C1 PG4 G . 11.43 9.99 -12.54
C2 PG4 G . 11.89 8.63 -12.16
O2 PG4 G . 11.03 8.06 -11.24
C3 PG4 G . 11.40 7.97 -9.92
C4 PG4 G . 10.63 8.98 -9.12
O3 PG4 G . 11.27 10.20 -9.11
C5 PG4 G . 10.53 11.36 -8.97
C6 PG4 G . 10.69 12.22 -10.19
O4 PG4 G . 9.90 13.35 -10.06
C7 PG4 G . 8.92 13.60 -11.00
C8 PG4 G . 9.36 14.72 -11.90
O5 PG4 G . 8.82 14.53 -13.16
#